data_8SVC
#
_entry.id   8SVC
#
_cell.length_a   62.187
_cell.length_b   141.291
_cell.length_c   71.388
_cell.angle_alpha   90.00
_cell.angle_beta   90.00
_cell.angle_gamma   90.00
#
_symmetry.space_group_name_H-M   'C 2 2 21'
#
loop_
_entity.id
_entity.type
_entity.pdbx_description
1 polymer 'Metal ABC transporter substrate-binding protein'
2 non-polymer 'SULFATE ION'
3 non-polymer 'ZINC ION'
4 water water
#
_entity_poly.entity_id   1
_entity_poly.type   'polypeptide(L)'
_entity_poly.pdbx_seq_one_letter_code
;MKYLLPTAAAGLLLLAAQPAMAMAKTLNVVSSFSVLGDIAQQVGGEHVHVDTLVGPDGDPHTFEPSPKDSALLSKADVVV
VNGLGLEGWLDRLIKASGFKGELVVASKGVKTHALDEEGKTVTDPHAWNSAANGALYAQNILDGLVKADPEDKAALTSSG
KRYIDQLTSLDGWAKAQFSAIPLAKRKVLTSHDAFGYFGRAYHVTFLAPQGLSSESEASAAQVAALIKQIKADGVHTWFM
ENQLDPRLVKQIASATGAQPGGELYPEALSKPGGVADSYVKMMRHNVELIANSMKELALVPRGSSAHHHHHHHHHH
;
_entity_poly.pdbx_strand_id   A
#
loop_
_chem_comp.id
_chem_comp.type
_chem_comp.name
_chem_comp.formula
SO4 non-polymer 'SULFATE ION' 'O4 S -2'
ZN non-polymer 'ZINC ION' 'Zn 2'
#
# COMPACT_ATOMS: atom_id res chain seq x y z
N THR A 26 -8.36 -7.00 -25.84
CA THR A 26 -8.18 -6.49 -24.48
C THR A 26 -6.99 -7.19 -23.80
N LEU A 27 -6.09 -6.39 -23.24
CA LEU A 27 -4.94 -6.92 -22.53
C LEU A 27 -5.36 -7.62 -21.24
N ASN A 28 -4.84 -8.82 -21.01
CA ASN A 28 -5.07 -9.53 -19.76
C ASN A 28 -3.93 -9.20 -18.81
N VAL A 29 -4.26 -8.49 -17.73
CA VAL A 29 -3.27 -8.00 -16.77
C VAL A 29 -3.49 -8.72 -15.45
N VAL A 30 -2.38 -9.17 -14.84
CA VAL A 30 -2.40 -9.72 -13.49
C VAL A 30 -1.56 -8.82 -12.59
N SER A 31 -2.14 -8.35 -11.50
CA SER A 31 -1.40 -7.60 -10.50
C SER A 31 -1.05 -8.50 -9.32
N SER A 32 0.07 -8.20 -8.65
CA SER A 32 0.45 -9.01 -7.48
C SER A 32 -0.53 -8.81 -6.33
N PHE A 33 -1.00 -7.58 -6.10
CA PHE A 33 -1.96 -7.33 -5.04
C PHE A 33 -2.94 -6.24 -5.46
N SER A 34 -4.00 -6.11 -4.66
CA SER A 34 -5.21 -5.41 -5.11
C SER A 34 -4.98 -3.95 -5.42
N VAL A 35 -4.09 -3.29 -4.68
CA VAL A 35 -3.86 -1.85 -4.90
C VAL A 35 -3.33 -1.62 -6.32
N LEU A 36 -2.35 -2.42 -6.73
CA LEU A 36 -1.79 -2.28 -8.07
C LEU A 36 -2.80 -2.66 -9.13
N GLY A 37 -3.66 -3.63 -8.85
CA GLY A 37 -4.68 -3.99 -9.81
C GLY A 37 -5.61 -2.84 -10.10
N ASP A 38 -5.99 -2.10 -9.05
CA ASP A 38 -6.87 -0.96 -9.28
C ASP A 38 -6.17 0.15 -10.06
N ILE A 39 -4.92 0.46 -9.75
CA ILE A 39 -4.21 1.49 -10.52
C ILE A 39 -4.12 1.08 -12.00
N ALA A 40 -3.82 -0.20 -12.26
CA ALA A 40 -3.80 -0.68 -13.64
C ALA A 40 -5.16 -0.57 -14.31
N GLN A 41 -6.23 -0.84 -13.56
CA GLN A 41 -7.58 -0.69 -14.10
C GLN A 41 -7.89 0.76 -14.46
N GLN A 42 -7.54 1.70 -13.57
CA GLN A 42 -7.85 3.10 -13.85
C GLN A 42 -7.04 3.63 -15.02
N VAL A 43 -5.78 3.23 -15.12
CA VAL A 43 -4.93 3.69 -16.22
C VAL A 43 -5.40 3.09 -17.55
N GLY A 44 -5.72 1.80 -17.54
CA GLY A 44 -6.04 1.07 -18.76
C GLY A 44 -7.48 1.16 -19.25
N GLY A 45 -8.43 1.33 -18.34
CA GLY A 45 -9.83 1.46 -18.74
C GLY A 45 -10.34 0.27 -19.53
N GLU A 46 -11.12 0.58 -20.57
CA GLU A 46 -11.74 -0.46 -21.40
C GLU A 46 -10.73 -1.35 -22.08
N HIS A 47 -9.45 -0.95 -22.15
CA HIS A 47 -8.47 -1.71 -22.91
C HIS A 47 -7.74 -2.75 -22.08
N VAL A 48 -8.06 -2.90 -20.79
CA VAL A 48 -7.44 -3.94 -19.99
C VAL A 48 -8.52 -4.72 -19.25
N HIS A 49 -8.22 -5.99 -18.96
CA HIS A 49 -8.93 -6.77 -17.96
C HIS A 49 -7.93 -7.17 -16.89
N VAL A 50 -8.20 -6.82 -15.64
CA VAL A 50 -7.23 -6.96 -14.56
C VAL A 50 -7.76 -7.99 -13.56
N ASP A 51 -6.93 -9.00 -13.28
CA ASP A 51 -7.12 -9.90 -12.15
C ASP A 51 -6.00 -9.67 -11.15
N THR A 52 -6.25 -9.98 -9.88
CA THR A 52 -5.23 -9.78 -8.86
C THR A 52 -4.96 -11.10 -8.12
N LEU A 53 -3.70 -11.28 -7.70
CA LEU A 53 -3.33 -12.50 -6.97
C LEU A 53 -3.71 -12.40 -5.50
N VAL A 54 -3.12 -11.47 -4.75
CA VAL A 54 -3.61 -11.13 -3.42
C VAL A 54 -4.86 -10.27 -3.58
N GLY A 55 -5.94 -10.65 -2.89
CA GLY A 55 -7.20 -9.98 -3.05
C GLY A 55 -7.48 -8.95 -1.97
N PRO A 56 -8.70 -8.41 -1.97
CA PRO A 56 -9.08 -7.42 -0.95
C PRO A 56 -8.93 -7.98 0.45
N ASP A 57 -8.48 -7.13 1.37
CA ASP A 57 -8.21 -7.48 2.77
C ASP A 57 -7.12 -8.55 2.92
N GLY A 58 -6.38 -8.85 1.86
CA GLY A 58 -5.36 -9.89 1.92
C GLY A 58 -4.01 -9.33 2.35
N ASP A 59 -3.29 -10.11 3.15
CA ASP A 59 -1.97 -9.71 3.63
C ASP A 59 -0.92 -10.05 2.58
N PRO A 60 -0.23 -9.06 2.00
CA PRO A 60 0.75 -9.37 0.96
C PRO A 60 2.04 -9.96 1.49
N HIS A 61 2.32 -9.82 2.80
CA HIS A 61 3.59 -10.31 3.33
C HIS A 61 3.57 -11.81 3.60
N THR A 62 2.43 -12.33 4.03
CA THR A 62 2.29 -13.75 4.33
C THR A 62 1.82 -14.57 3.13
N PHE A 63 1.41 -13.91 2.05
CA PHE A 63 0.88 -14.58 0.87
C PHE A 63 1.90 -15.53 0.25
N GLU A 64 1.43 -16.70 -0.18
CA GLU A 64 2.15 -17.55 -1.11
C GLU A 64 1.18 -18.01 -2.20
N PRO A 65 1.64 -18.06 -3.45
CA PRO A 65 0.72 -18.35 -4.57
C PRO A 65 0.40 -19.83 -4.69
N SER A 66 -0.74 -20.09 -5.32
CA SER A 66 -1.33 -21.41 -5.48
C SER A 66 -1.25 -21.88 -6.93
N PRO A 67 -1.54 -23.16 -7.18
CA PRO A 67 -1.67 -23.61 -8.58
C PRO A 67 -2.70 -22.83 -9.38
N LYS A 68 -3.77 -22.36 -8.73
CA LYS A 68 -4.72 -21.51 -9.43
C LYS A 68 -4.07 -20.21 -9.86
N ASP A 69 -3.23 -19.62 -8.99
CA ASP A 69 -2.51 -18.41 -9.34
C ASP A 69 -1.56 -18.65 -10.50
N SER A 70 -0.83 -19.77 -10.46
CA SER A 70 0.06 -20.13 -11.56
C SER A 70 -0.72 -20.27 -12.86
N ALA A 71 -1.86 -20.96 -12.81
CA ALA A 71 -2.67 -21.11 -14.01
C ALA A 71 -3.11 -19.76 -14.56
N LEU A 72 -3.54 -18.85 -13.68
CA LEU A 72 -3.95 -17.53 -14.13
C LEU A 72 -2.80 -16.78 -14.78
N LEU A 73 -1.61 -16.84 -14.18
CA LEU A 73 -0.48 -16.11 -14.74
C LEU A 73 -0.04 -16.68 -16.09
N SER A 74 -0.26 -17.97 -16.33
CA SER A 74 0.13 -18.53 -17.63
C SER A 74 -0.65 -17.91 -18.77
N LYS A 75 -1.82 -17.34 -18.50
CA LYS A 75 -2.67 -16.72 -19.52
C LYS A 75 -2.42 -15.23 -19.69
N ALA A 76 -1.54 -14.64 -18.89
CA ALA A 76 -1.51 -13.19 -18.78
C ALA A 76 -0.58 -12.56 -19.81
N ASP A 77 -0.93 -11.35 -20.24
CA ASP A 77 -0.11 -10.56 -21.14
C ASP A 77 0.86 -9.67 -20.39
N VAL A 78 0.48 -9.21 -19.20
CA VAL A 78 1.24 -8.28 -18.39
C VAL A 78 1.09 -8.69 -16.94
N VAL A 79 2.19 -8.66 -16.18
CA VAL A 79 2.12 -8.81 -14.73
C VAL A 79 2.67 -7.53 -14.11
N VAL A 80 1.94 -6.98 -13.14
CA VAL A 80 2.29 -5.72 -12.49
C VAL A 80 2.59 -6.03 -11.03
N VAL A 81 3.81 -5.67 -10.60
CA VAL A 81 4.27 -6.00 -9.25
C VAL A 81 4.84 -4.74 -8.60
N ASN A 82 5.01 -4.82 -7.28
CA ASN A 82 5.53 -3.70 -6.52
C ASN A 82 7.05 -3.61 -6.60
N GLY A 83 7.73 -4.75 -6.59
CA GLY A 83 9.16 -4.71 -6.35
C GLY A 83 9.42 -4.43 -4.87
N LEU A 84 10.64 -3.94 -4.62
CA LEU A 84 11.11 -3.59 -3.27
C LEU A 84 10.99 -4.75 -2.29
N GLY A 85 11.09 -5.99 -2.79
CA GLY A 85 11.05 -7.16 -1.93
C GLY A 85 9.67 -7.63 -1.52
N LEU A 86 8.60 -7.05 -2.07
CA LEU A 86 7.27 -7.40 -1.59
C LEU A 86 6.82 -8.77 -2.06
N GLU A 87 7.31 -9.23 -3.21
CA GLU A 87 6.88 -10.48 -3.86
C GLU A 87 8.07 -11.44 -3.99
N GLY A 88 8.47 -12.06 -2.87
CA GLY A 88 9.60 -12.99 -2.92
C GLY A 88 9.34 -14.19 -3.79
N TRP A 89 8.07 -14.58 -3.95
CA TRP A 89 7.63 -15.71 -4.73
C TRP A 89 7.55 -15.45 -6.22
N LEU A 90 7.86 -14.23 -6.70
CA LEU A 90 7.54 -13.88 -8.08
C LEU A 90 8.32 -14.73 -9.07
N ASP A 91 9.64 -14.83 -8.89
CA ASP A 91 10.46 -15.54 -9.87
C ASP A 91 10.05 -17.00 -10.00
N ARG A 92 9.77 -17.65 -8.86
CA ARG A 92 9.37 -19.05 -8.93
C ARG A 92 7.98 -19.21 -9.54
N LEU A 93 7.07 -18.23 -9.33
CA LEU A 93 5.77 -18.33 -9.96
C LEU A 93 5.85 -18.09 -11.47
N ILE A 94 6.72 -17.16 -11.89
CA ILE A 94 6.90 -16.92 -13.31
C ILE A 94 7.45 -18.16 -14.00
N LYS A 95 8.41 -18.83 -13.36
CA LYS A 95 8.99 -20.04 -13.94
C LYS A 95 7.96 -21.16 -14.00
N ALA A 96 7.25 -21.40 -12.91
CA ALA A 96 6.27 -22.49 -12.88
C ALA A 96 5.12 -22.25 -13.84
N SER A 97 4.66 -21.00 -13.97
CA SER A 97 3.53 -20.71 -14.83
C SER A 97 3.88 -20.72 -16.30
N GLY A 98 5.14 -20.52 -16.66
CA GLY A 98 5.50 -20.32 -18.05
C GLY A 98 5.16 -18.96 -18.60
N PHE A 99 4.81 -18.00 -17.74
CA PHE A 99 4.53 -16.64 -18.15
C PHE A 99 5.65 -16.08 -19.03
N LYS A 100 5.29 -15.61 -20.21
CA LYS A 100 6.28 -15.02 -21.12
C LYS A 100 5.94 -13.60 -21.50
N GLY A 101 5.01 -12.96 -20.79
CA GLY A 101 4.56 -11.62 -21.13
C GLY A 101 5.47 -10.55 -20.54
N GLU A 102 4.89 -9.38 -20.34
CA GLU A 102 5.65 -8.21 -19.91
C GLU A 102 5.57 -8.02 -18.41
N LEU A 103 6.72 -7.81 -17.77
CA LEU A 103 6.81 -7.57 -16.35
C LEU A 103 6.97 -6.07 -16.09
N VAL A 104 6.09 -5.52 -15.27
CA VAL A 104 6.08 -4.10 -14.92
C VAL A 104 6.34 -3.99 -13.42
N VAL A 105 7.46 -3.36 -13.05
CA VAL A 105 7.77 -3.08 -11.66
C VAL A 105 7.31 -1.66 -11.38
N ALA A 106 6.21 -1.54 -10.63
CA ALA A 106 5.55 -0.24 -10.47
C ALA A 106 6.39 0.76 -9.69
N SER A 107 7.33 0.31 -8.87
CA SER A 107 8.15 1.19 -8.04
C SER A 107 9.41 1.71 -8.76
N LYS A 108 9.60 1.40 -10.04
CA LYS A 108 10.81 1.82 -10.71
C LYS A 108 11.01 3.33 -10.62
N GLY A 109 12.18 3.76 -10.18
CA GLY A 109 12.51 5.17 -10.12
C GLY A 109 12.01 5.89 -8.88
N VAL A 110 11.17 5.25 -8.06
CA VAL A 110 10.64 5.89 -6.87
C VAL A 110 11.75 5.98 -5.81
N LYS A 111 11.83 7.11 -5.12
CA LYS A 111 12.78 7.27 -4.03
C LYS A 111 12.35 6.42 -2.84
N THR A 112 13.22 5.51 -2.40
CA THR A 112 12.85 4.60 -1.32
C THR A 112 13.33 5.12 0.04
N HIS A 113 12.71 4.58 1.09
CA HIS A 113 13.15 4.76 2.47
C HIS A 113 13.64 3.41 3.00
N ALA A 114 14.56 3.44 3.95
CA ALA A 114 15.05 2.20 4.51
C ALA A 114 15.27 2.34 6.01
N LEU A 115 15.17 1.23 6.73
CA LEU A 115 15.47 1.17 8.15
C LEU A 115 16.89 0.69 8.33
N ASP A 116 17.58 1.24 9.33
CA ASP A 116 18.95 0.87 9.65
C ASP A 116 18.90 -0.17 10.77
N GLU A 117 19.24 -1.42 10.44
CA GLU A 117 19.15 -2.53 11.36
C GLU A 117 20.37 -3.43 11.20
N GLU A 118 20.97 -3.81 12.33
CA GLU A 118 22.08 -4.78 12.32
C GLU A 118 23.21 -4.34 11.38
N GLY A 119 23.48 -3.04 11.36
CA GLY A 119 24.51 -2.52 10.47
C GLY A 119 24.20 -2.60 9.00
N LYS A 120 22.97 -2.97 8.63
CA LYS A 120 22.53 -3.08 7.24
C LYS A 120 21.34 -2.14 7.04
N THR A 121 20.83 -2.11 5.81
CA THR A 121 19.62 -1.36 5.49
C THR A 121 18.54 -2.32 4.99
N VAL A 122 17.30 -2.03 5.37
CA VAL A 122 16.14 -2.83 4.98
C VAL A 122 15.16 -1.88 4.31
N THR A 123 14.88 -2.13 3.02
CA THR A 123 14.02 -1.20 2.28
C THR A 123 12.57 -1.33 2.73
N ASP A 124 11.92 -0.17 2.89
CA ASP A 124 10.48 -0.13 3.19
C ASP A 124 9.72 -0.24 1.86
N PRO A 125 8.92 -1.30 1.66
CA PRO A 125 8.26 -1.48 0.36
C PRO A 125 7.00 -0.67 0.16
N HIS A 126 6.45 -0.03 1.20
CA HIS A 126 5.10 0.51 1.17
C HIS A 126 5.03 1.90 0.53
N ALA A 127 5.67 2.06 -0.63
CA ALA A 127 5.89 3.39 -1.20
C ALA A 127 4.61 4.05 -1.70
N TRP A 128 3.57 3.25 -2.01
CA TRP A 128 2.32 3.78 -2.56
C TRP A 128 1.48 4.57 -1.56
N ASN A 129 1.81 4.57 -0.27
CA ASN A 129 0.97 5.34 0.64
C ASN A 129 1.32 6.83 0.66
N SER A 130 2.26 7.26 -0.18
CA SER A 130 2.34 8.64 -0.65
C SER A 130 1.65 8.72 -2.00
N ALA A 131 0.66 9.61 -2.14
CA ALA A 131 -0.03 9.75 -3.42
C ALA A 131 0.87 10.30 -4.51
N ALA A 132 1.91 11.06 -4.16
CA ALA A 132 2.90 11.46 -5.16
C ALA A 132 3.62 10.24 -5.72
N ASN A 133 3.91 9.25 -4.87
CA ASN A 133 4.50 8.01 -5.36
C ASN A 133 3.48 7.18 -6.15
N GLY A 134 2.23 7.18 -5.70
CA GLY A 134 1.19 6.54 -6.50
C GLY A 134 1.13 7.07 -7.93
N ALA A 135 1.37 8.36 -8.10
CA ALA A 135 1.39 8.93 -9.45
C ALA A 135 2.57 8.40 -10.25
N LEU A 136 3.71 8.21 -9.59
CA LEU A 136 4.86 7.60 -10.24
C LEU A 136 4.58 6.14 -10.57
N TYR A 137 3.92 5.41 -9.67
CA TYR A 137 3.50 4.04 -9.97
C TYR A 137 2.62 4.02 -11.21
N ALA A 138 1.67 4.94 -11.28
CA ALA A 138 0.73 4.95 -12.40
C ALA A 138 1.43 5.25 -13.72
N GLN A 139 2.46 6.10 -13.71
CA GLN A 139 3.22 6.36 -14.93
C GLN A 139 3.99 5.12 -15.37
N ASN A 140 4.56 4.36 -14.42
CA ASN A 140 5.24 3.12 -14.78
C ASN A 140 4.27 2.12 -15.36
N ILE A 141 3.06 2.04 -14.80
CA ILE A 141 2.07 1.11 -15.31
C ILE A 141 1.57 1.54 -16.68
N LEU A 142 1.32 2.84 -16.86
CA LEU A 142 0.98 3.36 -18.17
C LEU A 142 2.05 2.99 -19.20
N ASP A 143 3.33 3.20 -18.84
CA ASP A 143 4.42 2.87 -19.75
C ASP A 143 4.38 1.41 -20.15
N GLY A 144 4.13 0.53 -19.18
CA GLY A 144 4.09 -0.89 -19.49
C GLY A 144 2.89 -1.28 -20.34
N LEU A 145 1.74 -0.66 -20.07
CA LEU A 145 0.55 -0.97 -20.88
C LEU A 145 0.73 -0.51 -22.32
N VAL A 146 1.34 0.68 -22.51
CA VAL A 146 1.57 1.18 -23.86
C VAL A 146 2.57 0.28 -24.59
N LYS A 147 3.57 -0.20 -23.87
CA LYS A 147 4.55 -1.12 -24.47
C LYS A 147 3.89 -2.44 -24.87
N ALA A 148 2.96 -2.93 -24.05
CA ALA A 148 2.32 -4.20 -24.34
C ALA A 148 1.15 -4.07 -25.31
N ASP A 149 0.61 -2.86 -25.51
CA ASP A 149 -0.56 -2.64 -26.35
C ASP A 149 -0.41 -1.34 -27.12
N PRO A 150 0.57 -1.28 -28.05
CA PRO A 150 0.81 -0.02 -28.76
C PRO A 150 -0.34 0.41 -29.64
N GLU A 151 -1.18 -0.53 -30.07
CA GLU A 151 -2.35 -0.19 -30.88
C GLU A 151 -3.25 0.81 -30.18
N ASP A 152 -3.29 0.77 -28.84
CA ASP A 152 -4.18 1.62 -28.06
C ASP A 152 -3.41 2.74 -27.35
N LYS A 153 -2.22 3.10 -27.84
CA LYS A 153 -1.36 4.00 -27.10
C LYS A 153 -2.00 5.35 -26.87
N ALA A 154 -2.73 5.88 -27.86
CA ALA A 154 -3.37 7.19 -27.67
C ALA A 154 -4.42 7.14 -26.58
N ALA A 155 -5.29 6.12 -26.61
CA ALA A 155 -6.34 5.99 -25.60
C ALA A 155 -5.75 5.73 -24.21
N LEU A 156 -4.77 4.82 -24.12
CA LEU A 156 -4.12 4.55 -22.85
C LEU A 156 -3.45 5.79 -22.29
N THR A 157 -2.77 6.55 -23.15
CA THR A 157 -2.09 7.74 -22.67
C THR A 157 -3.09 8.77 -22.16
N SER A 158 -4.24 8.89 -22.82
CA SER A 158 -5.23 9.87 -22.40
C SER A 158 -5.82 9.51 -21.04
N SER A 159 -6.24 8.26 -20.86
CA SER A 159 -6.80 7.86 -19.57
C SER A 159 -5.72 7.83 -18.49
N GLY A 160 -4.50 7.43 -18.87
CA GLY A 160 -3.42 7.42 -17.90
C GLY A 160 -3.05 8.80 -17.40
N LYS A 161 -2.89 9.77 -18.32
CA LYS A 161 -2.49 11.11 -17.90
C LYS A 161 -3.57 11.76 -17.05
N ARG A 162 -4.84 11.48 -17.35
CA ARG A 162 -5.94 11.95 -16.50
C ARG A 162 -5.82 11.40 -15.09
N TYR A 163 -5.55 10.10 -14.96
CA TYR A 163 -5.46 9.48 -13.64
C TYR A 163 -4.24 9.99 -12.87
N ILE A 164 -3.10 10.10 -13.55
CA ILE A 164 -1.90 10.64 -12.92
C ILE A 164 -2.17 12.03 -12.37
N ASP A 165 -2.86 12.88 -13.14
CA ASP A 165 -3.18 14.23 -12.66
C ASP A 165 -4.10 14.15 -11.45
N GLN A 166 -5.05 13.20 -11.44
CA GLN A 166 -5.88 13.03 -10.26
C GLN A 166 -5.04 12.70 -9.03
N LEU A 167 -4.02 11.84 -9.21
CA LEU A 167 -3.19 11.42 -8.07
C LEU A 167 -2.28 12.54 -7.56
N THR A 168 -1.71 13.35 -8.46
CA THR A 168 -0.89 14.44 -7.96
C THR A 168 -1.73 15.51 -7.28
N SER A 169 -2.97 15.72 -7.74
CA SER A 169 -3.87 16.62 -7.02
C SER A 169 -4.35 16.00 -5.72
N LEU A 170 -4.49 14.67 -5.67
CA LEU A 170 -4.82 14.01 -4.41
C LEU A 170 -3.71 14.22 -3.39
N ASP A 171 -2.46 14.14 -3.84
CA ASP A 171 -1.32 14.41 -2.98
C ASP A 171 -1.40 15.82 -2.41
N GLY A 172 -1.76 16.80 -3.25
CA GLY A 172 -1.90 18.16 -2.76
C GLY A 172 -3.03 18.32 -1.76
N TRP A 173 -4.17 17.66 -2.02
CA TRP A 173 -5.28 17.67 -1.06
C TRP A 173 -4.84 17.09 0.28
N ALA A 174 -4.15 15.93 0.24
CA ALA A 174 -3.74 15.28 1.47
C ALA A 174 -2.79 16.16 2.29
N LYS A 175 -1.79 16.76 1.63
CA LYS A 175 -0.91 17.68 2.33
C LYS A 175 -1.69 18.78 3.03
N ALA A 176 -2.73 19.29 2.35
CA ALA A 176 -3.49 20.41 2.88
C ALA A 176 -4.29 20.01 4.12
N GLN A 177 -4.71 18.75 4.21
CA GLN A 177 -5.47 18.33 5.40
C GLN A 177 -4.61 18.35 6.64
N PHE A 178 -3.30 18.17 6.50
CA PHE A 178 -2.40 18.16 7.64
C PHE A 178 -1.62 19.46 7.82
N SER A 179 -1.43 20.25 6.77
CA SER A 179 -0.53 21.41 6.85
C SER A 179 -1.08 22.53 7.73
N ALA A 180 -2.40 22.73 7.76
CA ALA A 180 -2.98 23.85 8.51
C ALA A 180 -3.35 23.49 9.95
N ILE A 181 -3.00 22.29 10.40
CA ILE A 181 -3.28 21.87 11.78
C ILE A 181 -1.97 21.83 12.56
N PRO A 182 -2.00 21.75 13.90
CA PRO A 182 -0.74 21.81 14.68
C PRO A 182 0.23 20.69 14.33
N LEU A 183 1.53 21.02 14.35
CA LEU A 183 2.56 20.02 14.13
C LEU A 183 2.81 19.17 15.38
N ALA A 184 2.50 19.69 16.55
CA ALA A 184 2.81 18.99 17.78
C ALA A 184 1.90 17.77 17.94
N LYS A 185 2.46 16.71 18.53
CA LYS A 185 1.74 15.52 18.97
C LYS A 185 1.07 14.72 17.84
N ARG A 186 1.47 14.92 16.58
CA ARG A 186 0.85 14.23 15.44
C ARG A 186 1.35 12.79 15.40
N LYS A 187 0.81 11.96 16.28
CA LYS A 187 1.25 10.58 16.41
C LYS A 187 0.03 9.68 16.56
N VAL A 188 0.04 8.53 15.87
CA VAL A 188 -1.04 7.56 15.99
C VAL A 188 -0.41 6.17 16.12
N LEU A 189 -1.23 5.23 16.58
CA LEU A 189 -0.84 3.84 16.78
C LEU A 189 -1.60 2.96 15.80
N THR A 190 -0.88 2.07 15.10
CA THR A 190 -1.49 1.14 14.17
C THR A 190 -0.84 -0.25 14.33
N SER A 191 -1.23 -1.20 13.49
CA SER A 191 -0.80 -2.58 13.72
C SER A 191 0.64 -2.84 13.23
N HIS A 192 1.05 -2.31 12.07
CA HIS A 192 2.41 -2.55 11.60
C HIS A 192 2.91 -1.34 10.83
N ASP A 193 4.20 -1.39 10.48
CA ASP A 193 4.91 -0.23 9.91
C ASP A 193 4.66 -0.19 8.41
N ALA A 194 3.44 0.20 8.05
CA ALA A 194 3.03 0.30 6.65
C ALA A 194 2.83 1.73 6.16
N PHE A 195 2.83 2.72 7.06
CA PHE A 195 2.50 4.08 6.68
C PHE A 195 3.72 5.00 6.69
N GLY A 196 4.92 4.44 6.60
CA GLY A 196 6.13 5.26 6.65
C GLY A 196 6.18 6.33 5.57
N TYR A 197 5.77 5.99 4.34
CA TYR A 197 5.79 6.98 3.25
C TYR A 197 4.66 8.00 3.39
N PHE A 198 3.52 7.57 3.90
CA PHE A 198 2.43 8.51 4.24
C PHE A 198 2.93 9.50 5.28
N GLY A 199 3.59 9.00 6.33
CA GLY A 199 4.03 9.88 7.39
C GLY A 199 5.08 10.87 6.94
N ARG A 200 5.94 10.47 6.00
CA ARG A 200 6.96 11.39 5.50
C ARG A 200 6.36 12.43 4.57
N ALA A 201 5.36 12.04 3.80
CA ALA A 201 4.77 12.98 2.83
C ALA A 201 3.87 13.99 3.51
N TYR A 202 3.09 13.55 4.50
CA TYR A 202 2.06 14.38 5.11
C TYR A 202 2.37 14.75 6.56
N HIS A 203 3.50 14.26 7.09
CA HIS A 203 4.09 14.70 8.35
C HIS A 203 3.27 14.25 9.54
N VAL A 204 3.21 12.93 9.72
CA VAL A 204 2.54 12.27 10.83
C VAL A 204 3.45 11.13 11.30
N THR A 205 3.59 10.97 12.60
CA THR A 205 4.37 9.88 13.15
C THR A 205 3.46 8.68 13.41
N PHE A 206 3.85 7.52 12.90
CA PHE A 206 3.12 6.28 13.11
C PHE A 206 3.89 5.35 14.03
N LEU A 207 3.24 4.89 15.09
CA LEU A 207 3.77 3.89 16.00
C LEU A 207 3.09 2.56 15.72
N ALA A 208 3.85 1.46 15.84
CA ALA A 208 3.25 0.14 15.63
C ALA A 208 4.07 -0.94 16.30
N PRO A 209 3.45 -1.98 16.86
CA PRO A 209 4.23 -3.05 17.51
C PRO A 209 4.95 -3.95 16.52
N GLN A 210 4.35 -4.25 15.37
CA GLN A 210 5.05 -5.01 14.35
C GLN A 210 5.72 -4.06 13.37
N GLY A 211 6.74 -4.58 12.69
CA GLY A 211 7.58 -3.76 11.85
C GLY A 211 7.11 -3.74 10.40
N LEU A 212 8.05 -3.75 9.47
CA LEU A 212 7.70 -3.65 8.05
C LEU A 212 6.92 -4.86 7.57
N SER A 213 6.99 -5.98 8.28
CA SER A 213 6.40 -7.22 7.78
C SER A 213 5.61 -7.94 8.86
N SER A 214 4.43 -8.43 8.48
CA SER A 214 3.63 -9.28 9.35
C SER A 214 4.15 -10.71 9.42
N GLU A 215 5.23 -11.01 8.71
CA GLU A 215 5.87 -12.31 8.92
C GLU A 215 6.63 -12.39 10.24
N SER A 216 6.94 -11.24 10.86
CA SER A 216 7.73 -11.20 12.09
C SER A 216 6.86 -10.84 13.29
N GLU A 217 6.94 -11.65 14.33
CA GLU A 217 6.23 -11.35 15.57
C GLU A 217 6.88 -10.16 16.28
N ALA A 218 6.06 -9.35 16.94
CA ALA A 218 6.60 -8.26 17.74
C ALA A 218 7.27 -8.83 18.99
N SER A 219 8.48 -8.37 19.29
CA SER A 219 9.16 -8.87 20.48
C SER A 219 8.54 -8.28 21.75
N ALA A 220 8.77 -8.97 22.87
CA ALA A 220 8.33 -8.42 24.15
C ALA A 220 8.96 -7.04 24.38
N ALA A 221 10.22 -6.88 23.97
CA ALA A 221 10.89 -5.60 24.09
C ALA A 221 10.14 -4.48 23.39
N GLN A 222 9.67 -4.73 22.17
CA GLN A 222 9.03 -3.68 21.39
C GLN A 222 7.66 -3.34 21.96
N VAL A 223 6.91 -4.36 22.39
CA VAL A 223 5.59 -4.10 22.95
C VAL A 223 5.72 -3.27 24.24
N ALA A 224 6.66 -3.65 25.11
CA ALA A 224 6.85 -2.89 26.35
C ALA A 224 7.23 -1.45 26.06
N ALA A 225 8.12 -1.24 25.08
CA ALA A 225 8.58 0.12 24.77
C ALA A 225 7.45 0.96 24.20
N LEU A 226 6.58 0.37 23.38
CA LEU A 226 5.47 1.13 22.80
C LEU A 226 4.50 1.57 23.89
N ILE A 227 4.20 0.67 24.82
CA ILE A 227 3.30 1.01 25.93
C ILE A 227 3.91 2.13 26.76
N LYS A 228 5.22 2.05 27.02
CA LYS A 228 5.87 3.11 27.78
C LYS A 228 5.84 4.43 27.01
N GLN A 229 6.13 4.38 25.71
CA GLN A 229 6.15 5.61 24.91
C GLN A 229 4.78 6.28 24.89
N ILE A 230 3.71 5.49 24.69
CA ILE A 230 2.37 6.07 24.61
C ILE A 230 1.98 6.68 25.95
N LYS A 231 2.25 5.96 27.05
CA LYS A 231 1.96 6.51 28.37
C LYS A 231 2.72 7.81 28.62
N ALA A 232 3.99 7.86 28.19
CA ALA A 232 4.82 9.02 28.49
C ALA A 232 4.53 10.19 27.56
N ASP A 233 4.16 9.93 26.30
CA ASP A 233 4.10 10.95 25.27
C ASP A 233 2.68 11.30 24.83
N GLY A 234 1.67 10.70 25.43
CA GLY A 234 0.31 11.19 25.23
C GLY A 234 -0.32 10.87 23.89
N VAL A 235 0.01 9.72 23.30
CA VAL A 235 -0.71 9.26 22.12
C VAL A 235 -2.13 8.93 22.51
N HIS A 236 -3.09 9.35 21.67
CA HIS A 236 -4.50 9.27 22.05
C HIS A 236 -5.31 8.28 21.21
N THR A 237 -4.91 7.99 19.97
CA THR A 237 -5.75 7.26 19.02
C THR A 237 -5.03 6.04 18.47
N TRP A 238 -5.77 4.93 18.38
CA TRP A 238 -5.26 3.70 17.76
C TRP A 238 -6.18 3.23 16.64
N PHE A 239 -5.57 2.56 15.67
CA PHE A 239 -6.26 2.07 14.48
C PHE A 239 -5.97 0.59 14.31
N MET A 240 -6.95 -0.13 13.77
CA MET A 240 -6.72 -1.46 13.21
C MET A 240 -6.51 -1.35 11.71
N GLU A 241 -6.11 -2.47 11.10
CA GLU A 241 -5.80 -2.55 9.68
C GLU A 241 -6.58 -3.72 9.08
N ASN A 242 -7.05 -3.54 7.85
CA ASN A 242 -7.97 -4.53 7.28
C ASN A 242 -7.31 -5.88 7.00
N GLN A 243 -5.99 -5.93 6.84
CA GLN A 243 -5.32 -7.16 6.43
C GLN A 243 -4.64 -7.89 7.58
N LEU A 244 -4.70 -7.36 8.80
CA LEU A 244 -3.87 -7.89 9.89
C LEU A 244 -4.66 -8.03 11.17
N ASP A 245 -4.50 -9.17 11.84
CA ASP A 245 -5.14 -9.45 13.13
C ASP A 245 -5.00 -8.27 14.08
N PRO A 246 -6.11 -7.68 14.56
CA PRO A 246 -6.02 -6.53 15.46
C PRO A 246 -5.77 -6.87 16.92
N ARG A 247 -5.56 -8.13 17.28
CA ARG A 247 -5.47 -8.48 18.69
C ARG A 247 -4.35 -7.73 19.39
N LEU A 248 -3.18 -7.66 18.76
CA LEU A 248 -2.02 -7.05 19.42
C LEU A 248 -2.22 -5.54 19.61
N VAL A 249 -2.65 -4.83 18.55
CA VAL A 249 -2.85 -3.41 18.72
C VAL A 249 -3.95 -3.13 19.75
N LYS A 250 -4.97 -3.99 19.82
CA LYS A 250 -5.98 -3.85 20.87
C LYS A 250 -5.38 -4.05 22.26
N GLN A 251 -4.41 -4.98 22.40
CA GLN A 251 -3.75 -5.17 23.69
C GLN A 251 -2.98 -3.93 24.12
N ILE A 252 -2.26 -3.30 23.18
CA ILE A 252 -1.53 -2.08 23.51
C ILE A 252 -2.51 -0.96 23.86
N ALA A 253 -3.59 -0.84 23.09
CA ALA A 253 -4.59 0.20 23.37
C ALA A 253 -5.20 0.03 24.75
N SER A 254 -5.50 -1.21 25.12
CA SER A 254 -6.09 -1.48 26.43
C SER A 254 -5.12 -1.13 27.55
N ALA A 255 -3.82 -1.35 27.33
CA ALA A 255 -2.83 -1.06 28.37
C ALA A 255 -2.58 0.44 28.54
N THR A 256 -2.97 1.25 27.56
CA THR A 256 -2.67 2.67 27.55
C THR A 256 -3.92 3.54 27.60
N GLY A 257 -5.11 2.97 27.48
CA GLY A 257 -6.30 3.78 27.43
C GLY A 257 -6.49 4.57 26.14
N ALA A 258 -5.79 4.19 25.07
CA ALA A 258 -5.96 4.88 23.80
C ALA A 258 -7.37 4.70 23.27
N GLN A 259 -7.85 5.73 22.52
CA GLN A 259 -9.21 5.61 22.01
C GLN A 259 -9.20 5.16 20.56
N PRO A 260 -10.23 4.44 20.12
CA PRO A 260 -10.24 3.92 18.76
C PRO A 260 -10.51 5.01 17.73
N GLY A 261 -9.73 4.97 16.65
CA GLY A 261 -9.93 5.88 15.54
C GLY A 261 -10.54 5.21 14.32
N GLY A 262 -10.65 3.87 14.35
CA GLY A 262 -11.29 3.13 13.29
C GLY A 262 -10.32 2.19 12.60
N GLU A 263 -10.59 1.96 11.31
CA GLU A 263 -9.88 0.96 10.52
C GLU A 263 -9.20 1.62 9.32
N LEU A 264 -7.89 1.45 9.23
CA LEU A 264 -7.08 1.92 8.11
C LEU A 264 -6.85 0.80 7.11
N TYR A 265 -6.53 1.21 5.88
CA TYR A 265 -6.36 0.29 4.74
C TYR A 265 -4.98 0.55 4.14
N PRO A 266 -3.91 -0.05 4.72
CA PRO A 266 -2.56 0.32 4.29
C PRO A 266 -2.05 -0.37 3.03
N GLU A 267 -2.51 -1.60 2.77
CA GLU A 267 -1.84 -2.34 1.71
C GLU A 267 -2.77 -3.33 1.00
N ALA A 268 -4.08 -3.14 1.10
CA ALA A 268 -5.07 -3.96 0.43
C ALA A 268 -6.37 -3.16 0.34
N LEU A 269 -7.03 -3.20 -0.81
CA LEU A 269 -8.34 -2.59 -0.93
C LEU A 269 -9.34 -3.29 -0.02
N SER A 270 -10.41 -2.57 0.33
CA SER A 270 -11.57 -3.20 0.90
C SER A 270 -12.24 -4.10 -0.14
N LYS A 271 -13.10 -4.98 0.36
CA LYS A 271 -14.01 -5.71 -0.50
C LYS A 271 -14.98 -4.74 -1.18
N PRO A 272 -15.61 -5.16 -2.28
CA PRO A 272 -16.66 -4.32 -2.88
C PRO A 272 -17.66 -3.88 -1.84
N GLY A 273 -18.25 -2.70 -2.06
CA GLY A 273 -19.16 -2.09 -1.11
C GLY A 273 -18.50 -1.48 0.11
N GLY A 274 -17.16 -1.54 0.19
CA GLY A 274 -16.44 -1.04 1.34
C GLY A 274 -15.95 0.39 1.18
N VAL A 275 -15.18 0.83 2.18
CA VAL A 275 -14.72 2.21 2.28
C VAL A 275 -13.45 2.49 1.48
N ALA A 276 -12.87 1.47 0.85
CA ALA A 276 -11.56 1.61 0.20
C ALA A 276 -11.51 0.73 -1.05
N ASP A 277 -12.53 0.89 -1.92
CA ASP A 277 -12.74 0.08 -3.12
C ASP A 277 -11.76 0.38 -4.24
N SER A 278 -11.01 1.47 -4.15
CA SER A 278 -10.04 1.86 -5.16
C SER A 278 -8.86 2.48 -4.45
N TYR A 279 -7.74 2.65 -5.17
CA TYR A 279 -6.58 3.30 -4.59
C TYR A 279 -6.90 4.74 -4.16
N VAL A 280 -7.63 5.47 -5.01
CA VAL A 280 -8.05 6.82 -4.65
C VAL A 280 -8.87 6.81 -3.37
N LYS A 281 -9.86 5.89 -3.27
CA LYS A 281 -10.72 5.86 -2.11
C LYS A 281 -9.99 5.38 -0.87
N MET A 282 -9.03 4.47 -1.05
CA MET A 282 -8.14 4.04 0.01
C MET A 282 -7.36 5.21 0.60
N MET A 283 -6.72 6.00 -0.27
CA MET A 283 -6.00 7.19 0.19
C MET A 283 -6.92 8.17 0.88
N ARG A 284 -8.06 8.48 0.28
CA ARG A 284 -8.98 9.43 0.88
C ARG A 284 -9.43 8.96 2.26
N HIS A 285 -9.77 7.67 2.37
CA HIS A 285 -10.23 7.13 3.63
C HIS A 285 -9.16 7.26 4.71
N ASN A 286 -7.92 6.86 4.38
CA ASN A 286 -6.86 6.91 5.39
C ASN A 286 -6.57 8.35 5.81
N VAL A 287 -6.53 9.28 4.84
CA VAL A 287 -6.29 10.68 5.19
C VAL A 287 -7.39 11.21 6.11
N GLU A 288 -8.65 10.97 5.73
CA GLU A 288 -9.79 11.46 6.50
C GLU A 288 -9.76 10.93 7.93
N LEU A 289 -9.53 9.62 8.09
CA LEU A 289 -9.57 9.02 9.42
C LEU A 289 -8.44 9.54 10.30
N ILE A 290 -7.24 9.66 9.75
CA ILE A 290 -6.11 10.12 10.53
C ILE A 290 -6.23 11.60 10.86
N ALA A 291 -6.60 12.42 9.87
CA ALA A 291 -6.77 13.85 10.14
C ALA A 291 -7.85 14.09 11.18
N ASN A 292 -8.97 13.37 11.09
CA ASN A 292 -10.04 13.56 12.06
C ASN A 292 -9.60 13.22 13.48
N SER A 293 -8.67 12.28 13.65
CA SER A 293 -8.16 11.94 14.96
C SER A 293 -7.15 12.94 15.50
N MET A 294 -6.69 13.87 14.68
CA MET A 294 -5.70 14.83 15.13
C MET A 294 -6.38 16.00 15.88
N LYS A 295 -7.71 16.05 15.83
CA LYS A 295 -8.48 17.03 16.60
S SO4 B . -14.35 -4.67 4.10
O1 SO4 B . -13.57 -5.41 3.12
O2 SO4 B . -15.14 -5.62 4.89
O3 SO4 B . -13.48 -3.95 5.02
O4 SO4 B . -15.23 -3.74 3.40
S SO4 C . -18.66 5.10 6.37
O1 SO4 C . -17.28 5.53 6.10
O2 SO4 C . -18.61 3.92 7.24
O3 SO4 C . -19.38 6.19 7.04
O4 SO4 C . -19.27 4.76 5.08
S SO4 D . 10.79 -12.39 23.16
O1 SO4 D . 10.23 -12.62 24.48
O2 SO4 D . 11.14 -13.67 22.54
O3 SO4 D . 12.01 -11.59 23.32
O4 SO4 D . 9.84 -11.65 22.34
S SO4 E . 9.25 -16.02 -0.15
O1 SO4 E . 9.45 -16.79 1.08
O2 SO4 E . 10.41 -16.20 -1.03
O3 SO4 E . 9.13 -14.60 0.21
O4 SO4 E . 8.05 -16.46 -0.84
S SO4 F . 5.97 19.69 2.57
O1 SO4 F . 7.31 19.10 2.59
O2 SO4 F . 4.99 18.69 3.00
O3 SO4 F . 5.91 20.83 3.48
O4 SO4 F . 5.62 20.12 1.21
ZN ZN G . 2.97 -4.16 5.15
#